data_1CY0
#
_entry.id   1CY0
#
_cell.length_a   63.040
_cell.length_b   73.310
_cell.length_c   134.460
_cell.angle_alpha   90.00
_cell.angle_beta   90.00
_cell.angle_gamma   90.00
#
_symmetry.space_group_name_H-M   'P 21 21 21'
#
loop_
_entity.id
_entity.type
_entity.pdbx_description
1 polymer 'DNA TOPOISOMERASE I'
2 non-polymer "ADENOSINE-3'-5'-DIPHOSPHATE"
3 water water
#
_entity_poly.entity_id   1
_entity_poly.type   'polypeptide(L)'
_entity_poly.pdbx_seq_one_letter_code
;GSMGKALVIVESPAKAKTINKYLGSDYVVKSSVGHIRDLPTSGSAAKKSADSTSTKTAKKPKKDERGALVNRMGVDPWHN
WEAHYEVLPGKEKVVSELKQLAEKADHIYLATDLDREGEAIAWHLREVIGGDDARYSRVVFNEITKNAIRQAFNKPGELN
IDRVNAQQARRFMDRVVGYMVSPLLWKKIARGLSAGRVQSVAVRLVVEREREIKAFVPEEFWEVDASTTTPSGEALALQV
THQNDKPFRPVNKEQTQAAVSLLEKARYSVLEREDKPTTSKPGAPFITSTLQQAASTRLGFGVKKTMMMAQRLYEAGYIT
YMRTDSTNLSQDAVNMVRGYISDNFGKKYLPESPNQYASKENSQEAHEAIRPSDVNVMAESLKDMEADAQKLYQLIWRQF
VACQMTPAKYDSTTLTVGAGDFRLKARGRILRFDGWTKVMPALRKGDEDRILPAVNKGDALTLVELTPAQHFTKPPARFS
EASLVKELEKRGIGRPSTYASIISTIQDRGYVRVENRRFYAEKMGEIVTDRLEENFRELMNYDFTAQMENSLDQVANHEA
EWKAVLDHFFSDFTQQLDKAEKDPEEGGMRPNQMVLTSI
;
_entity_poly.pdbx_strand_id   A
#
loop_
_chem_comp.id
_chem_comp.type
_chem_comp.name
_chem_comp.formula
A3P RNA linking ADENOSINE-3'-5'-DIPHOSPHATE 'C10 H15 N5 O10 P2'
#
# COMPACT_ATOMS: atom_id res chain seq x y z
N GLY A 4 -24.08 23.75 -25.50
CA GLY A 4 -25.17 22.99 -26.19
C GLY A 4 -24.65 21.89 -27.10
N LYS A 5 -23.36 21.57 -26.94
CA LYS A 5 -22.71 20.54 -27.74
C LYS A 5 -22.74 19.22 -26.99
N ALA A 6 -21.60 18.77 -26.48
CA ALA A 6 -21.55 17.52 -25.72
C ALA A 6 -21.11 17.86 -24.29
N LEU A 7 -21.77 17.28 -23.31
CA LEU A 7 -21.44 17.55 -21.91
C LEU A 7 -20.61 16.42 -21.28
N VAL A 8 -19.49 16.81 -20.69
CA VAL A 8 -18.58 15.88 -20.03
C VAL A 8 -18.52 16.26 -18.56
N ILE A 9 -18.90 15.33 -17.68
CA ILE A 9 -18.87 15.61 -16.25
C ILE A 9 -17.72 14.89 -15.56
N VAL A 10 -16.94 15.66 -14.79
CA VAL A 10 -15.82 15.13 -14.02
C VAL A 10 -16.05 15.56 -12.58
N GLU A 11 -15.28 15.04 -11.63
CA GLU A 11 -15.53 15.39 -10.24
C GLU A 11 -14.78 16.55 -9.60
N SER A 12 -13.89 17.19 -10.34
CA SER A 12 -13.16 18.31 -9.74
C SER A 12 -12.71 19.34 -10.75
N PRO A 13 -12.54 20.59 -10.29
CA PRO A 13 -12.10 21.67 -11.17
C PRO A 13 -10.73 21.35 -11.79
N ALA A 14 -9.83 20.80 -10.98
CA ALA A 14 -8.48 20.45 -11.43
C ALA A 14 -8.52 19.46 -12.58
N LYS A 15 -9.36 18.44 -12.46
CA LYS A 15 -9.52 17.42 -13.49
C LYS A 15 -10.20 17.99 -14.73
N ALA A 16 -11.09 18.96 -14.52
CA ALA A 16 -11.79 19.60 -15.62
C ALA A 16 -10.83 20.41 -16.49
N LYS A 17 -9.89 21.11 -15.84
CA LYS A 17 -8.93 21.92 -16.57
C LYS A 17 -7.96 21.08 -17.40
N THR A 18 -7.62 19.89 -16.92
CA THR A 18 -6.68 19.03 -17.64
C THR A 18 -7.31 18.23 -18.78
N ILE A 19 -8.46 17.62 -18.52
CA ILE A 19 -9.15 16.83 -19.53
C ILE A 19 -9.60 17.74 -20.68
N ASN A 20 -9.96 18.97 -20.33
CA ASN A 20 -10.42 19.95 -21.30
C ASN A 20 -9.34 20.26 -22.35
N LYS A 21 -8.09 19.99 -22.02
CA LYS A 21 -6.99 20.24 -22.94
C LYS A 21 -7.00 19.26 -24.12
N TYR A 22 -7.66 18.12 -23.92
CA TYR A 22 -7.71 17.08 -24.94
C TYR A 22 -9.09 16.88 -25.53
N LEU A 23 -10.00 17.81 -25.24
CA LEU A 23 -11.36 17.74 -25.77
C LEU A 23 -11.63 18.98 -26.62
N GLY A 24 -12.11 18.75 -27.83
CA GLY A 24 -12.40 19.83 -28.76
C GLY A 24 -13.57 20.74 -28.43
N SER A 25 -13.82 21.67 -29.35
CA SER A 25 -14.89 22.65 -29.22
C SER A 25 -16.26 22.06 -28.92
N ASP A 26 -16.57 20.92 -29.52
CA ASP A 26 -17.86 20.26 -29.32
C ASP A 26 -17.99 19.55 -27.97
N TYR A 27 -17.15 19.96 -27.02
CA TYR A 27 -17.16 19.36 -25.68
C TYR A 27 -17.16 20.42 -24.58
N VAL A 28 -18.18 20.38 -23.73
CA VAL A 28 -18.30 21.28 -22.60
C VAL A 28 -17.98 20.47 -21.34
N VAL A 29 -16.84 20.74 -20.72
CA VAL A 29 -16.45 20.00 -19.53
C VAL A 29 -16.88 20.70 -18.25
N LYS A 30 -17.67 19.99 -17.45
CA LYS A 30 -18.18 20.54 -16.20
C LYS A 30 -17.88 19.59 -15.05
N SER A 31 -17.62 20.14 -13.87
CA SER A 31 -17.32 19.31 -12.71
C SER A 31 -18.42 19.38 -11.67
N SER A 32 -18.60 18.28 -10.95
CA SER A 32 -19.58 18.20 -9.87
C SER A 32 -18.73 17.81 -8.68
N VAL A 33 -18.33 18.81 -7.89
CA VAL A 33 -17.48 18.55 -6.74
C VAL A 33 -17.95 17.39 -5.88
N GLY A 34 -17.24 16.28 -5.98
CA GLY A 34 -17.55 15.10 -5.21
C GLY A 34 -18.91 14.42 -5.37
N HIS A 35 -19.47 14.04 -4.23
CA HIS A 35 -20.76 13.36 -4.17
C HIS A 35 -21.91 14.35 -4.30
N ILE A 36 -22.77 14.12 -5.30
CA ILE A 36 -23.91 14.99 -5.51
C ILE A 36 -25.13 14.45 -4.76
N ARG A 37 -25.19 13.13 -4.62
CA ARG A 37 -26.29 12.47 -3.93
C ARG A 37 -25.73 11.42 -2.98
N ASP A 38 -26.45 11.15 -1.90
CA ASP A 38 -25.97 10.18 -0.93
C ASP A 38 -27.00 9.83 0.15
N LEU A 39 -26.61 8.93 1.05
CA LEU A 39 -27.47 8.52 2.16
C LEU A 39 -27.65 9.69 3.13
N PRO A 40 -28.71 9.65 3.96
CA PRO A 40 -28.96 10.72 4.92
C PRO A 40 -27.73 10.95 5.82
N ALA A 68 -37.47 4.08 11.74
CA ALA A 68 -36.81 4.82 12.82
C ALA A 68 -35.30 4.63 12.74
N LEU A 69 -34.85 3.39 12.95
CA LEU A 69 -33.43 3.08 12.84
C LEU A 69 -33.15 3.05 11.34
N VAL A 70 -34.11 2.53 10.59
CA VAL A 70 -34.02 2.46 9.13
C VAL A 70 -34.14 3.87 8.55
N ASN A 71 -34.92 4.70 9.24
CA ASN A 71 -35.13 6.07 8.80
C ASN A 71 -33.81 6.88 8.84
N ARG A 72 -33.05 6.72 9.92
CA ARG A 72 -31.78 7.43 10.06
C ARG A 72 -30.67 6.90 9.15
N MET A 73 -30.60 5.58 8.98
CA MET A 73 -29.58 4.98 8.13
C MET A 73 -29.81 5.28 6.66
N GLY A 74 -31.07 5.36 6.25
CA GLY A 74 -31.38 5.63 4.86
C GLY A 74 -31.24 4.35 4.06
N VAL A 75 -31.27 3.21 4.77
CA VAL A 75 -31.15 1.90 4.14
C VAL A 75 -31.92 0.86 4.99
N ASP A 76 -32.66 -0.03 4.35
CA ASP A 76 -33.44 -1.01 5.11
C ASP A 76 -33.03 -2.48 4.97
N PRO A 77 -32.25 -2.99 5.93
CA PRO A 77 -31.80 -4.38 5.91
C PRO A 77 -32.98 -5.36 6.00
N TRP A 78 -34.13 -4.86 6.43
CA TRP A 78 -35.32 -5.69 6.58
C TRP A 78 -36.30 -5.65 5.42
N HIS A 79 -36.00 -4.85 4.41
CA HIS A 79 -36.87 -4.78 3.25
C HIS A 79 -36.04 -4.81 1.96
N ASN A 80 -35.22 -5.86 1.86
CA ASN A 80 -34.33 -6.10 0.73
C ASN A 80 -33.49 -4.89 0.31
N TRP A 81 -32.86 -4.28 1.32
CA TRP A 81 -31.98 -3.14 1.17
C TRP A 81 -32.51 -1.93 0.40
N GLU A 82 -33.73 -1.55 0.73
CA GLU A 82 -34.38 -0.39 0.13
C GLU A 82 -33.57 0.82 0.62
N ALA A 83 -33.13 1.64 -0.32
CA ALA A 83 -32.35 2.81 0.03
C ALA A 83 -33.07 4.11 -0.28
N HIS A 84 -32.74 5.13 0.49
CA HIS A 84 -33.33 6.45 0.34
C HIS A 84 -32.18 7.44 0.17
N TYR A 85 -31.88 7.76 -1.09
CA TYR A 85 -30.81 8.72 -1.38
C TYR A 85 -31.40 10.11 -1.47
N GLU A 86 -30.56 11.11 -1.25
CA GLU A 86 -31.01 12.50 -1.32
C GLU A 86 -29.81 13.39 -1.60
N VAL A 87 -30.00 14.35 -2.48
CA VAL A 87 -28.94 15.28 -2.84
C VAL A 87 -28.30 15.88 -1.59
N LEU A 88 -26.99 15.98 -1.59
CA LEU A 88 -26.24 16.53 -0.47
C LEU A 88 -26.75 17.90 -0.05
N PRO A 89 -26.59 18.25 1.24
CA PRO A 89 -27.05 19.53 1.77
C PRO A 89 -26.46 20.74 1.05
N GLY A 90 -27.33 21.52 0.41
CA GLY A 90 -26.90 22.70 -0.30
C GLY A 90 -26.49 22.53 -1.74
N LYS A 91 -26.16 21.30 -2.13
CA LYS A 91 -25.75 21.03 -3.50
C LYS A 91 -26.95 21.08 -4.44
N GLU A 92 -28.06 21.62 -3.94
CA GLU A 92 -29.29 21.73 -4.72
C GLU A 92 -29.10 22.61 -5.96
N LYS A 93 -28.08 23.46 -5.93
CA LYS A 93 -27.78 24.36 -7.04
C LYS A 93 -27.04 23.61 -8.14
N VAL A 94 -25.98 22.92 -7.75
CA VAL A 94 -25.17 22.14 -8.67
C VAL A 94 -26.05 21.26 -9.55
N VAL A 95 -26.97 20.54 -8.92
CA VAL A 95 -27.87 19.65 -9.65
C VAL A 95 -28.63 20.38 -10.75
N SER A 96 -29.13 21.58 -10.43
CA SER A 96 -29.87 22.36 -11.41
C SER A 96 -28.96 22.89 -12.52
N GLU A 97 -27.79 23.40 -12.13
CA GLU A 97 -26.83 23.91 -13.11
C GLU A 97 -26.54 22.79 -14.11
N LEU A 98 -26.57 21.55 -13.63
CA LEU A 98 -26.32 20.39 -14.47
C LEU A 98 -27.52 20.04 -15.33
N LYS A 99 -28.71 20.05 -14.73
CA LYS A 99 -29.94 19.74 -15.44
C LYS A 99 -30.18 20.58 -16.68
N GLN A 100 -30.20 21.90 -16.49
CA GLN A 100 -30.44 22.83 -17.60
C GLN A 100 -29.26 22.89 -18.56
N LEU A 101 -28.17 22.24 -18.19
CA LEU A 101 -26.97 22.22 -19.02
C LEU A 101 -26.94 20.89 -19.78
N ALA A 102 -27.44 19.84 -19.15
CA ALA A 102 -27.49 18.51 -19.76
C ALA A 102 -28.50 18.48 -20.89
N GLU A 103 -29.69 18.99 -20.64
CA GLU A 103 -30.73 19.01 -21.66
C GLU A 103 -30.23 19.83 -22.85
N LYS A 104 -29.52 20.90 -22.54
CA LYS A 104 -28.94 21.77 -23.55
C LYS A 104 -27.83 21.02 -24.27
N ALA A 105 -27.53 19.80 -23.80
CA ALA A 105 -26.47 18.99 -24.38
C ALA A 105 -26.91 17.89 -25.35
N ASP A 106 -26.04 17.59 -26.29
CA ASP A 106 -26.27 16.55 -27.29
C ASP A 106 -26.19 15.19 -26.60
N HIS A 107 -24.99 14.86 -26.12
CA HIS A 107 -24.72 13.60 -25.43
C HIS A 107 -24.00 13.89 -24.12
N ILE A 108 -24.26 13.08 -23.10
CA ILE A 108 -23.62 13.27 -21.80
C ILE A 108 -22.56 12.21 -21.52
N TYR A 109 -21.34 12.68 -21.26
CA TYR A 109 -20.22 11.81 -20.97
C TYR A 109 -19.89 11.82 -19.48
N LEU A 110 -19.97 10.65 -18.84
CA LEU A 110 -19.66 10.52 -17.43
C LEU A 110 -18.17 10.16 -17.36
N ALA A 111 -17.36 11.16 -17.06
CA ALA A 111 -15.92 10.99 -17.02
C ALA A 111 -15.29 10.94 -15.62
N THR A 112 -15.91 10.22 -14.70
CA THR A 112 -15.39 10.10 -13.32
C THR A 112 -14.22 9.12 -13.26
N ASP A 113 -13.47 9.14 -12.16
CA ASP A 113 -12.34 8.23 -11.97
C ASP A 113 -12.79 6.80 -12.27
N LEU A 114 -11.85 5.99 -12.78
CA LEU A 114 -12.12 4.60 -13.20
C LEU A 114 -12.61 3.54 -12.21
N ASP A 115 -12.37 3.73 -10.92
CA ASP A 115 -12.79 2.72 -9.96
C ASP A 115 -14.31 2.69 -9.65
N ARG A 116 -14.73 1.67 -8.91
CA ARG A 116 -16.15 1.54 -8.58
C ARG A 116 -16.71 2.78 -7.89
N GLU A 117 -15.87 3.48 -7.13
CA GLU A 117 -16.30 4.70 -6.45
C GLU A 117 -16.70 5.76 -7.49
N GLY A 118 -15.87 5.90 -8.53
CA GLY A 118 -16.17 6.86 -9.58
C GLY A 118 -17.37 6.36 -10.37
N GLU A 119 -17.58 5.05 -10.34
CA GLU A 119 -18.70 4.45 -11.07
C GLU A 119 -20.00 4.84 -10.37
N ALA A 120 -20.01 4.82 -9.05
CA ALA A 120 -21.20 5.18 -8.30
C ALA A 120 -21.49 6.68 -8.44
N ILE A 121 -20.45 7.50 -8.53
CA ILE A 121 -20.64 8.94 -8.67
C ILE A 121 -21.28 9.21 -10.03
N ALA A 122 -20.87 8.42 -11.04
CA ALA A 122 -21.41 8.56 -12.39
C ALA A 122 -22.87 8.15 -12.37
N TRP A 123 -23.16 7.07 -11.67
CA TRP A 123 -24.51 6.54 -11.56
C TRP A 123 -25.45 7.53 -10.88
N HIS A 124 -24.98 8.15 -9.80
CA HIS A 124 -25.79 9.13 -9.07
C HIS A 124 -26.07 10.33 -9.95
N LEU A 125 -25.10 10.72 -10.76
CA LEU A 125 -25.27 11.85 -11.65
C LEU A 125 -26.33 11.53 -12.70
N ARG A 126 -26.25 10.35 -13.28
CA ARG A 126 -27.22 9.96 -14.29
C ARG A 126 -28.62 9.88 -13.72
N GLU A 127 -28.76 9.33 -12.52
CA GLU A 127 -30.05 9.19 -11.87
C GLU A 127 -30.67 10.51 -11.39
N VAL A 128 -29.84 11.54 -11.21
CA VAL A 128 -30.34 12.83 -10.75
C VAL A 128 -30.64 13.79 -11.90
N ILE A 129 -29.82 13.77 -12.95
CA ILE A 129 -30.03 14.63 -14.12
C ILE A 129 -31.22 14.05 -14.89
N GLY A 130 -31.36 12.73 -14.85
CA GLY A 130 -32.47 12.07 -15.52
C GLY A 130 -32.27 11.86 -17.00
N GLY A 131 -33.34 11.47 -17.68
CA GLY A 131 -33.28 11.24 -19.10
C GLY A 131 -33.17 9.76 -19.41
N ASP A 132 -33.10 9.42 -20.69
CA ASP A 132 -32.99 8.04 -21.13
C ASP A 132 -31.54 7.55 -21.04
N ASP A 133 -31.37 6.26 -20.84
CA ASP A 133 -30.03 5.67 -20.73
C ASP A 133 -29.15 5.90 -21.95
N ALA A 134 -29.72 5.80 -23.14
CA ALA A 134 -28.96 5.98 -24.37
C ALA A 134 -28.41 7.39 -24.47
N ARG A 135 -28.79 8.22 -23.50
CA ARG A 135 -28.36 9.61 -23.46
C ARG A 135 -27.00 9.74 -22.75
N TYR A 136 -26.54 8.65 -22.12
CA TYR A 136 -25.28 8.65 -21.41
C TYR A 136 -24.27 7.62 -21.89
N SER A 137 -23.01 7.91 -21.61
CA SER A 137 -21.87 7.05 -21.93
C SER A 137 -20.91 7.18 -20.75
N ARG A 138 -20.15 6.13 -20.46
CA ARG A 138 -19.20 6.17 -19.37
C ARG A 138 -17.82 5.97 -19.96
N VAL A 139 -17.02 7.02 -19.97
CA VAL A 139 -15.68 6.95 -20.53
C VAL A 139 -14.69 6.54 -19.45
N VAL A 140 -13.75 5.69 -19.82
CA VAL A 140 -12.75 5.16 -18.90
C VAL A 140 -11.30 5.40 -19.30
N PHE A 141 -10.55 6.05 -18.40
CA PHE A 141 -9.13 6.33 -18.62
C PHE A 141 -8.40 6.19 -17.29
N ASN A 142 -7.14 5.79 -17.34
CA ASN A 142 -6.35 5.61 -16.13
C ASN A 142 -5.20 6.61 -16.14
N GLU A 143 -5.32 7.61 -17.01
CA GLU A 143 -4.30 8.62 -17.20
C GLU A 143 -4.96 9.77 -17.92
N ILE A 144 -4.63 11.01 -17.55
CA ILE A 144 -5.23 12.16 -18.23
C ILE A 144 -4.22 12.75 -19.22
N THR A 145 -4.09 12.09 -20.36
CA THR A 145 -3.17 12.53 -21.39
C THR A 145 -3.91 12.64 -22.71
N LYS A 146 -3.19 13.05 -23.75
CA LYS A 146 -3.78 13.20 -25.06
C LYS A 146 -4.25 11.87 -25.65
N ASN A 147 -3.40 10.85 -25.60
CA ASN A 147 -3.77 9.55 -26.13
C ASN A 147 -4.84 8.86 -25.30
N ALA A 148 -4.69 8.93 -23.98
CA ALA A 148 -5.64 8.30 -23.07
C ALA A 148 -7.06 8.86 -23.21
N ILE A 149 -7.19 10.18 -23.27
CA ILE A 149 -8.51 10.79 -23.42
C ILE A 149 -9.10 10.52 -24.80
N ARG A 150 -8.25 10.46 -25.81
CA ARG A 150 -8.71 10.19 -27.17
C ARG A 150 -9.35 8.81 -27.26
N GLN A 151 -8.60 7.79 -26.84
CA GLN A 151 -9.08 6.41 -26.87
C GLN A 151 -10.28 6.19 -25.96
N ALA A 152 -10.38 6.99 -24.90
CA ALA A 152 -11.48 6.87 -23.96
C ALA A 152 -12.78 7.37 -24.57
N PHE A 153 -12.73 8.52 -25.22
CA PHE A 153 -13.93 9.07 -25.84
C PHE A 153 -14.19 8.44 -27.21
N ASN A 154 -13.20 7.74 -27.73
CA ASN A 154 -13.33 7.08 -29.02
C ASN A 154 -14.24 5.86 -28.87
N LYS A 155 -13.90 5.01 -27.90
CA LYS A 155 -14.65 3.80 -27.62
C LYS A 155 -15.30 3.92 -26.23
N PRO A 156 -16.28 4.82 -26.10
CA PRO A 156 -16.97 5.00 -24.81
C PRO A 156 -17.82 3.81 -24.44
N GLY A 157 -17.90 3.53 -23.14
CA GLY A 157 -18.68 2.40 -22.67
C GLY A 157 -19.94 2.82 -21.92
N GLU A 158 -20.55 1.86 -21.25
CA GLU A 158 -21.77 2.11 -20.48
C GLU A 158 -21.48 1.95 -18.99
N LEU A 159 -22.35 2.53 -18.18
CA LEU A 159 -22.23 2.47 -16.74
C LEU A 159 -22.27 0.99 -16.32
N ASN A 160 -21.29 0.57 -15.53
CA ASN A 160 -21.23 -0.83 -15.08
C ASN A 160 -21.99 -0.94 -13.75
N ILE A 161 -23.15 -1.59 -13.81
CA ILE A 161 -24.01 -1.75 -12.65
C ILE A 161 -23.39 -2.60 -11.53
N ASP A 162 -22.56 -3.58 -11.89
CA ASP A 162 -21.93 -4.41 -10.88
C ASP A 162 -21.03 -3.56 -10.00
N ARG A 163 -20.25 -2.67 -10.62
CA ARG A 163 -19.36 -1.79 -9.88
C ARG A 163 -20.21 -0.92 -8.95
N VAL A 164 -21.21 -0.27 -9.52
CA VAL A 164 -22.08 0.59 -8.72
C VAL A 164 -22.65 -0.18 -7.54
N ASN A 165 -23.08 -1.42 -7.79
CA ASN A 165 -23.64 -2.22 -6.71
C ASN A 165 -22.57 -2.62 -5.67
N ALA A 166 -21.32 -2.72 -6.09
CA ALA A 166 -20.25 -3.09 -5.17
C ALA A 166 -20.03 -1.92 -4.23
N GLN A 167 -20.03 -0.71 -4.79
CA GLN A 167 -19.83 0.51 -4.01
C GLN A 167 -21.00 0.68 -3.03
N GLN A 168 -22.22 0.55 -3.55
CA GLN A 168 -23.41 0.67 -2.72
C GLN A 168 -23.34 -0.33 -1.56
N ALA A 169 -22.99 -1.59 -1.87
CA ALA A 169 -22.89 -2.62 -0.84
C ALA A 169 -21.88 -2.22 0.24
N ARG A 170 -20.72 -1.69 -0.17
CA ARG A 170 -19.74 -1.27 0.82
C ARG A 170 -20.34 -0.14 1.64
N ARG A 171 -21.02 0.77 0.95
CA ARG A 171 -21.66 1.90 1.58
C ARG A 171 -22.65 1.43 2.64
N PHE A 172 -23.56 0.54 2.25
CA PHE A 172 -24.57 0.03 3.16
C PHE A 172 -23.99 -0.74 4.35
N MET A 173 -22.92 -1.50 4.10
CA MET A 173 -22.27 -2.23 5.17
C MET A 173 -21.72 -1.26 6.23
N ASP A 174 -21.03 -0.22 5.78
CA ASP A 174 -20.45 0.75 6.69
C ASP A 174 -21.54 1.51 7.45
N ARG A 175 -22.63 1.79 6.76
CA ARG A 175 -23.75 2.50 7.35
C ARG A 175 -24.39 1.66 8.45
N VAL A 176 -24.59 0.38 8.16
CA VAL A 176 -25.20 -0.52 9.12
C VAL A 176 -24.34 -0.66 10.37
N VAL A 177 -23.05 -0.92 10.16
CA VAL A 177 -22.15 -1.08 11.28
C VAL A 177 -22.09 0.18 12.16
N GLY A 178 -21.86 1.33 11.52
CA GLY A 178 -21.78 2.58 12.24
C GLY A 178 -23.02 2.99 13.04
N TYR A 179 -24.20 2.85 12.44
CA TYR A 179 -25.44 3.23 13.10
C TYR A 179 -25.96 2.22 14.11
N MET A 180 -25.47 0.99 14.04
CA MET A 180 -25.92 -0.03 14.99
C MET A 180 -24.92 -0.35 16.09
N VAL A 181 -23.66 0.01 15.89
CA VAL A 181 -22.63 -0.27 16.89
C VAL A 181 -22.21 0.97 17.69
N SER A 182 -22.10 2.11 17.03
CA SER A 182 -21.70 3.34 17.69
C SER A 182 -22.55 3.63 18.96
N PRO A 183 -23.88 3.39 18.87
CA PRO A 183 -24.78 3.62 20.01
C PRO A 183 -24.39 2.85 21.27
N LEU A 184 -23.93 1.61 21.10
CA LEU A 184 -23.52 0.80 22.23
C LEU A 184 -22.26 1.38 22.84
N LEU A 185 -21.43 2.03 22.02
CA LEU A 185 -20.21 2.63 22.52
C LEU A 185 -20.56 3.90 23.30
N TRP A 186 -21.65 4.58 22.93
CA TRP A 186 -22.09 5.78 23.62
C TRP A 186 -22.61 5.39 25.00
N LYS A 187 -23.32 4.27 25.05
CA LYS A 187 -23.90 3.76 26.29
C LYS A 187 -22.88 3.18 27.28
N LYS A 188 -22.10 2.19 26.83
CA LYS A 188 -21.12 1.54 27.69
C LYS A 188 -19.78 2.25 27.92
N ILE A 189 -19.47 3.27 27.13
CA ILE A 189 -18.19 3.95 27.31
C ILE A 189 -18.23 5.47 27.33
N ALA A 190 -18.62 6.08 26.21
CA ALA A 190 -18.70 7.54 26.13
C ALA A 190 -19.33 8.03 24.83
N ARG A 191 -19.92 9.21 24.90
CA ARG A 191 -20.57 9.83 23.75
C ARG A 191 -19.55 10.42 22.79
N GLY A 192 -19.80 10.26 21.49
CA GLY A 192 -18.87 10.80 20.51
C GLY A 192 -18.03 9.71 19.87
N LEU A 193 -18.06 8.52 20.48
CA LEU A 193 -17.31 7.39 19.97
C LEU A 193 -18.10 6.77 18.81
N SER A 194 -17.39 6.27 17.81
CA SER A 194 -18.05 5.64 16.67
C SER A 194 -17.26 4.44 16.17
N ALA A 195 -17.97 3.36 15.88
CA ALA A 195 -17.35 2.14 15.40
C ALA A 195 -17.45 2.08 13.87
N GLY A 196 -16.41 1.56 13.24
CA GLY A 196 -16.38 1.44 11.80
C GLY A 196 -16.19 -0.04 11.50
N ARG A 197 -16.75 -0.51 10.39
CA ARG A 197 -16.62 -1.91 10.04
C ARG A 197 -15.16 -2.35 9.91
N VAL A 198 -14.36 -1.58 9.18
CA VAL A 198 -12.96 -1.93 9.02
C VAL A 198 -12.02 -1.25 10.03
N GLN A 199 -12.26 0.02 10.33
CA GLN A 199 -11.38 0.69 11.29
C GLN A 199 -11.37 -0.02 12.65
N SER A 200 -12.47 -0.71 12.99
CA SER A 200 -12.56 -1.44 14.25
C SER A 200 -11.52 -2.57 14.30
N VAL A 201 -11.43 -3.33 13.21
CA VAL A 201 -10.48 -4.42 13.12
C VAL A 201 -9.06 -3.87 13.09
N ALA A 202 -8.89 -2.71 12.47
CA ALA A 202 -7.57 -2.08 12.39
C ALA A 202 -7.09 -1.70 13.78
N VAL A 203 -8.01 -1.24 14.62
CA VAL A 203 -7.65 -0.87 15.98
C VAL A 203 -7.26 -2.14 16.75
N ARG A 204 -7.93 -3.24 16.45
CA ARG A 204 -7.63 -4.50 17.11
C ARG A 204 -6.18 -4.90 16.79
N LEU A 205 -5.78 -4.78 15.53
CA LEU A 205 -4.40 -5.12 15.14
C LEU A 205 -3.36 -4.39 15.99
N VAL A 206 -3.59 -3.10 16.24
CA VAL A 206 -2.68 -2.31 17.03
C VAL A 206 -2.78 -2.66 18.52
N VAL A 207 -3.99 -2.98 18.96
CA VAL A 207 -4.20 -3.35 20.34
C VAL A 207 -3.49 -4.66 20.67
N GLU A 208 -3.67 -5.67 19.81
CA GLU A 208 -3.03 -6.96 20.03
C GLU A 208 -1.51 -6.77 20.11
N ARG A 209 -0.95 -6.00 19.17
CA ARG A 209 0.48 -5.76 19.14
C ARG A 209 0.93 -5.10 20.44
N GLU A 210 0.10 -4.20 20.97
CA GLU A 210 0.40 -3.50 22.21
C GLU A 210 0.44 -4.50 23.36
N ARG A 211 -0.50 -5.42 23.35
CA ARG A 211 -0.55 -6.44 24.40
C ARG A 211 0.51 -7.51 24.22
N GLU A 212 0.94 -7.73 22.98
CA GLU A 212 2.00 -8.69 22.69
C GLU A 212 3.30 -8.14 23.26
N ILE A 213 3.51 -6.83 23.04
CA ILE A 213 4.71 -6.15 23.51
C ILE A 213 4.79 -6.08 25.03
N LYS A 214 3.70 -5.71 25.69
CA LYS A 214 3.70 -5.62 27.14
C LYS A 214 3.91 -6.98 27.80
N ALA A 215 3.40 -8.04 27.17
CA ALA A 215 3.53 -9.40 27.71
C ALA A 215 4.88 -10.05 27.45
N PHE A 216 5.65 -9.49 26.52
CA PHE A 216 6.95 -10.05 26.17
C PHE A 216 7.94 -10.20 27.33
N VAL A 217 8.54 -11.39 27.41
CA VAL A 217 9.53 -11.71 28.44
C VAL A 217 10.88 -11.96 27.75
N PRO A 218 11.82 -11.02 27.91
CA PRO A 218 13.15 -11.17 27.30
C PRO A 218 13.85 -12.50 27.62
N GLU A 219 14.46 -13.11 26.61
CA GLU A 219 15.19 -14.36 26.77
C GLU A 219 16.68 -14.05 26.72
N GLU A 220 17.42 -14.49 27.74
CA GLU A 220 18.85 -14.25 27.78
C GLU A 220 19.60 -15.21 26.87
N PHE A 221 20.59 -14.69 26.16
CA PHE A 221 21.42 -15.50 25.26
C PHE A 221 22.75 -14.77 25.06
N TRP A 222 23.81 -15.54 24.83
CA TRP A 222 25.13 -14.97 24.63
C TRP A 222 25.68 -15.19 23.22
N GLU A 223 26.60 -14.33 22.82
CA GLU A 223 27.27 -14.41 21.53
C GLU A 223 28.75 -14.18 21.75
N VAL A 224 29.56 -14.99 21.09
CA VAL A 224 31.00 -14.87 21.22
C VAL A 224 31.55 -14.45 19.87
N ASP A 225 32.36 -13.42 19.87
CA ASP A 225 32.98 -12.94 18.65
C ASP A 225 34.48 -13.12 18.80
N ALA A 226 35.18 -13.23 17.68
CA ALA A 226 36.62 -13.41 17.73
C ALA A 226 37.31 -12.45 16.77
N SER A 227 38.21 -11.64 17.31
CA SER A 227 38.95 -10.70 16.49
C SER A 227 40.21 -11.48 16.11
N THR A 228 40.57 -11.47 14.82
CA THR A 228 41.74 -12.20 14.38
C THR A 228 42.58 -11.43 13.37
N THR A 229 43.73 -12.00 13.04
CA THR A 229 44.65 -11.40 12.09
C THR A 229 44.92 -12.36 10.95
N THR A 230 44.93 -11.84 9.72
CA THR A 230 45.20 -12.66 8.55
C THR A 230 46.71 -12.87 8.44
N PRO A 231 47.13 -13.76 7.52
CA PRO A 231 48.57 -13.99 7.36
C PRO A 231 49.30 -12.69 6.98
N SER A 232 48.61 -11.81 6.25
CA SER A 232 49.18 -10.54 5.81
C SER A 232 48.99 -9.39 6.80
N GLY A 233 48.28 -9.65 7.91
CA GLY A 233 48.09 -8.61 8.90
C GLY A 233 46.70 -8.01 9.02
N GLU A 234 45.98 -7.95 7.90
CA GLU A 234 44.63 -7.39 7.89
C GLU A 234 43.74 -7.99 8.99
N ALA A 235 42.94 -7.13 9.62
CA ALA A 235 42.04 -7.55 10.68
C ALA A 235 40.80 -8.26 10.14
N LEU A 236 40.28 -9.21 10.91
CA LEU A 236 39.10 -9.97 10.51
C LEU A 236 38.26 -10.31 11.74
N ALA A 237 36.98 -9.99 11.68
CA ALA A 237 36.08 -10.26 12.80
C ALA A 237 35.21 -11.47 12.45
N LEU A 238 35.09 -12.40 13.39
CA LEU A 238 34.30 -13.60 13.17
C LEU A 238 33.32 -13.83 14.29
N GLN A 239 32.20 -14.49 13.99
CA GLN A 239 31.23 -14.81 15.03
C GLN A 239 31.19 -16.33 15.16
N VAL A 240 31.20 -16.81 16.39
CA VAL A 240 31.14 -18.24 16.64
C VAL A 240 29.73 -18.67 16.29
N THR A 241 29.62 -19.63 15.38
CA THR A 241 28.31 -20.13 14.94
C THR A 241 28.01 -21.56 15.38
N HIS A 242 29.00 -22.44 15.33
CA HIS A 242 28.77 -23.82 15.73
C HIS A 242 29.81 -24.36 16.72
N GLN A 243 29.37 -25.32 17.52
CA GLN A 243 30.26 -25.98 18.49
C GLN A 243 29.93 -27.46 18.39
N ASN A 244 30.93 -28.26 18.03
CA ASN A 244 30.73 -29.69 17.87
C ASN A 244 29.61 -29.93 16.85
N ASP A 245 29.60 -29.11 15.82
CA ASP A 245 28.62 -29.19 14.73
C ASP A 245 27.17 -28.94 15.12
N LYS A 246 26.97 -28.30 16.25
CA LYS A 246 25.62 -27.95 16.70
C LYS A 246 25.61 -26.43 16.81
N PRO A 247 24.48 -25.78 16.54
CA PRO A 247 24.41 -24.32 16.65
C PRO A 247 24.94 -23.82 17.99
N PHE A 248 25.70 -22.73 17.95
CA PHE A 248 26.28 -22.14 19.15
C PHE A 248 25.32 -21.16 19.80
N ARG A 249 24.76 -21.56 20.93
CA ARG A 249 23.82 -20.69 21.64
C ARG A 249 23.91 -20.77 23.15
N PRO A 250 25.00 -20.24 23.73
CA PRO A 250 25.12 -20.28 25.19
C PRO A 250 24.01 -19.39 25.75
N VAL A 251 23.44 -19.77 26.89
CA VAL A 251 22.36 -19.00 27.49
C VAL A 251 22.75 -18.27 28.78
N ASN A 252 23.97 -18.52 29.25
CA ASN A 252 24.44 -17.87 30.48
C ASN A 252 25.95 -17.68 30.48
N LYS A 253 26.42 -16.90 31.46
CA LYS A 253 27.83 -16.60 31.61
C LYS A 253 28.69 -17.84 31.76
N GLU A 254 28.16 -18.86 32.43
CA GLU A 254 28.87 -20.12 32.66
C GLU A 254 29.23 -20.90 31.39
N GLN A 255 28.27 -21.11 30.50
CA GLN A 255 28.51 -21.86 29.27
C GLN A 255 29.39 -21.06 28.31
N THR A 256 29.25 -19.74 28.37
CA THR A 256 30.03 -18.85 27.52
C THR A 256 31.50 -18.91 27.92
N GLN A 257 31.77 -18.84 29.22
CA GLN A 257 33.14 -18.89 29.73
C GLN A 257 33.83 -20.18 29.33
N ALA A 258 33.07 -21.27 29.29
CA ALA A 258 33.63 -22.56 28.90
C ALA A 258 34.08 -22.51 27.45
N ALA A 259 33.18 -22.06 26.58
CA ALA A 259 33.47 -21.94 25.16
C ALA A 259 34.64 -20.99 24.95
N VAL A 260 34.63 -19.86 25.66
CA VAL A 260 35.70 -18.89 25.54
C VAL A 260 37.05 -19.50 25.90
N SER A 261 37.08 -20.30 26.96
CA SER A 261 38.31 -20.92 27.40
C SER A 261 38.91 -21.84 26.34
N LEU A 262 38.06 -22.64 25.69
CA LEU A 262 38.52 -23.53 24.62
C LEU A 262 38.98 -22.70 23.42
N LEU A 263 38.16 -21.71 23.06
CA LEU A 263 38.47 -20.83 21.92
C LEU A 263 39.75 -20.03 22.11
N GLU A 264 40.15 -19.86 23.36
CA GLU A 264 41.35 -19.11 23.67
C GLU A 264 42.61 -19.89 23.30
N LYS A 265 42.56 -21.21 23.45
CA LYS A 265 43.71 -22.08 23.17
C LYS A 265 43.63 -22.83 21.84
N ALA A 266 42.54 -22.63 21.11
CA ALA A 266 42.37 -23.32 19.83
C ALA A 266 43.21 -22.67 18.74
N ARG A 267 43.36 -23.39 17.63
CA ARG A 267 44.11 -22.91 16.49
C ARG A 267 43.08 -22.52 15.44
N TYR A 268 43.20 -21.32 14.90
CA TYR A 268 42.24 -20.85 13.89
C TYR A 268 42.78 -21.00 12.48
N SER A 269 42.00 -21.69 11.64
CA SER A 269 42.38 -21.88 10.24
C SER A 269 41.12 -21.78 9.37
N VAL A 270 41.28 -21.23 8.17
CA VAL A 270 40.17 -21.05 7.25
C VAL A 270 39.71 -22.36 6.63
N LEU A 271 38.54 -22.84 7.05
CA LEU A 271 37.98 -24.08 6.53
C LEU A 271 37.35 -23.88 5.16
N GLU A 272 36.83 -22.67 4.90
CA GLU A 272 36.20 -22.42 3.63
C GLU A 272 35.98 -20.94 3.28
N ARG A 273 36.18 -20.61 2.02
CA ARG A 273 35.94 -19.26 1.53
C ARG A 273 35.01 -19.44 0.35
N GLU A 274 33.72 -19.25 0.58
CA GLU A 274 32.69 -19.37 -0.45
C GLU A 274 32.46 -18.03 -1.14
N ASP A 275 32.78 -17.98 -2.43
CA ASP A 275 32.58 -16.76 -3.21
C ASP A 275 31.49 -16.99 -4.26
N LYS A 276 30.37 -16.31 -4.09
CA LYS A 276 29.23 -16.46 -5.00
C LYS A 276 28.70 -15.13 -5.53
N PRO A 277 28.44 -15.07 -6.84
CA PRO A 277 27.90 -13.82 -7.40
C PRO A 277 26.45 -13.70 -6.93
N THR A 278 26.10 -12.57 -6.35
CA THR A 278 24.73 -12.36 -5.90
C THR A 278 24.12 -11.18 -6.64
N THR A 279 22.81 -11.18 -6.79
CA THR A 279 22.13 -10.11 -7.48
C THR A 279 21.01 -9.55 -6.65
N SER A 280 20.68 -8.29 -6.92
CA SER A 280 19.61 -7.60 -6.24
C SER A 280 18.70 -7.10 -7.37
N LYS A 281 17.42 -7.42 -7.27
CA LYS A 281 16.48 -7.00 -8.30
C LYS A 281 15.69 -5.79 -7.83
N PRO A 282 15.32 -4.89 -8.77
CA PRO A 282 14.55 -3.71 -8.37
C PRO A 282 13.13 -4.10 -7.97
N GLY A 283 12.51 -3.28 -7.13
CA GLY A 283 11.15 -3.57 -6.73
C GLY A 283 10.21 -3.31 -7.89
N ALA A 284 8.98 -3.80 -7.78
CA ALA A 284 7.97 -3.61 -8.81
C ALA A 284 7.49 -2.16 -8.82
N PRO A 285 6.90 -1.70 -9.93
CA PRO A 285 6.43 -0.31 -9.92
C PRO A 285 5.37 -0.23 -8.83
N PHE A 286 5.14 0.96 -8.27
CA PHE A 286 4.17 1.11 -7.17
C PHE A 286 2.68 0.81 -7.40
N ILE A 287 2.01 0.53 -6.28
CA ILE A 287 0.58 0.32 -6.24
C ILE A 287 0.27 1.12 -4.99
N THR A 288 -1.00 1.38 -4.75
CA THR A 288 -1.38 2.15 -3.59
C THR A 288 -0.68 1.84 -2.26
N SER A 289 -0.74 0.59 -1.80
CA SER A 289 -0.09 0.30 -0.52
C SER A 289 1.43 0.46 -0.55
N THR A 290 2.11 0.03 -1.61
CA THR A 290 3.55 0.20 -1.62
C THR A 290 3.93 1.67 -1.73
N LEU A 291 3.14 2.47 -2.42
CA LEU A 291 3.43 3.90 -2.53
C LEU A 291 3.37 4.57 -1.16
N GLN A 292 2.36 4.20 -0.37
CA GLN A 292 2.18 4.76 0.96
C GLN A 292 3.31 4.33 1.88
N GLN A 293 3.72 3.07 1.77
CA GLN A 293 4.81 2.55 2.61
C GLN A 293 6.12 3.28 2.34
N ALA A 294 6.51 3.34 1.06
CA ALA A 294 7.76 3.98 0.68
C ALA A 294 7.70 5.49 0.88
N ALA A 295 6.55 6.09 0.58
CA ALA A 295 6.40 7.53 0.76
C ALA A 295 6.58 7.87 2.25
N SER A 296 6.09 7.00 3.13
CA SER A 296 6.22 7.24 4.57
C SER A 296 7.64 7.00 5.08
N THR A 297 8.24 5.90 4.66
CA THR A 297 9.59 5.54 5.08
C THR A 297 10.67 6.38 4.43
N ARG A 298 10.60 6.55 3.12
CA ARG A 298 11.62 7.33 2.44
C ARG A 298 11.38 8.85 2.47
N LEU A 299 10.13 9.30 2.52
CA LEU A 299 9.85 10.75 2.52
C LEU A 299 9.21 11.29 3.80
N GLY A 300 8.95 10.41 4.78
CA GLY A 300 8.32 10.87 6.00
C GLY A 300 6.91 11.39 5.77
N PHE A 301 6.31 11.07 4.62
CA PHE A 301 4.96 11.54 4.33
C PHE A 301 3.91 10.68 5.03
N GLY A 302 2.91 11.34 5.59
CA GLY A 302 1.84 10.60 6.21
C GLY A 302 0.96 10.05 5.09
N VAL A 303 0.30 8.94 5.39
CA VAL A 303 -0.61 8.26 4.48
C VAL A 303 -1.61 9.20 3.77
N LYS A 304 -2.32 10.02 4.53
CA LYS A 304 -3.29 10.94 3.92
C LYS A 304 -2.60 11.94 3.00
N LYS A 305 -1.43 12.39 3.39
CA LYS A 305 -0.68 13.34 2.59
C LYS A 305 -0.27 12.70 1.26
N THR A 306 0.21 11.46 1.30
CA THR A 306 0.62 10.80 0.06
C THR A 306 -0.52 10.74 -0.95
N MET A 307 -1.68 10.28 -0.52
CA MET A 307 -2.82 10.17 -1.43
C MET A 307 -3.29 11.54 -1.90
N MET A 308 -3.09 12.57 -1.08
CA MET A 308 -3.49 13.91 -1.49
C MET A 308 -2.55 14.43 -2.59
N MET A 309 -1.25 14.24 -2.39
CA MET A 309 -0.27 14.67 -3.38
C MET A 309 -0.44 13.81 -4.65
N ALA A 310 -0.60 12.51 -4.43
CA ALA A 310 -0.79 11.54 -5.51
C ALA A 310 -1.98 11.92 -6.42
N GLN A 311 -3.10 12.28 -5.79
CA GLN A 311 -4.27 12.69 -6.54
C GLN A 311 -4.02 14.01 -7.24
N ARG A 312 -3.27 14.89 -6.60
CA ARG A 312 -2.95 16.17 -7.20
C ARG A 312 -2.18 15.90 -8.50
N LEU A 313 -1.20 14.99 -8.43
CA LEU A 313 -0.38 14.61 -9.57
C LEU A 313 -1.20 13.98 -10.69
N TYR A 314 -2.09 13.07 -10.31
CA TYR A 314 -2.94 12.38 -11.26
C TYR A 314 -3.90 13.32 -11.96
N GLU A 315 -4.53 14.23 -11.22
CA GLU A 315 -5.47 15.17 -11.81
C GLU A 315 -4.82 16.19 -12.73
N ALA A 316 -3.52 16.43 -12.55
CA ALA A 316 -2.79 17.36 -13.38
C ALA A 316 -2.22 16.61 -14.59
N GLY A 317 -2.56 15.32 -14.70
CA GLY A 317 -2.07 14.50 -15.79
C GLY A 317 -0.63 14.04 -15.74
N TYR A 318 -0.01 14.05 -14.56
CA TYR A 318 1.38 13.63 -14.44
C TYR A 318 1.61 12.16 -14.15
N ILE A 319 0.62 11.48 -13.58
CA ILE A 319 0.76 10.07 -13.26
C ILE A 319 -0.51 9.31 -13.58
N THR A 320 -0.43 7.99 -13.53
CA THR A 320 -1.59 7.13 -13.77
C THR A 320 -2.44 7.11 -12.49
N TYR A 321 -3.69 6.65 -12.62
CA TYR A 321 -4.61 6.59 -11.49
C TYR A 321 -3.91 6.06 -10.23
N MET A 322 -4.14 6.70 -9.09
CA MET A 322 -3.45 6.31 -7.86
C MET A 322 -4.12 5.28 -6.95
N ARG A 323 -5.28 4.75 -7.35
CA ARG A 323 -5.95 3.71 -6.56
C ARG A 323 -5.87 2.43 -7.35
N THR A 324 -4.87 1.61 -7.06
CA THR A 324 -4.67 0.38 -7.81
C THR A 324 -3.90 -0.67 -7.01
N ASP A 325 -4.07 -1.94 -7.35
CA ASP A 325 -3.30 -3.00 -6.70
C ASP A 325 -2.64 -3.86 -7.79
N SER A 326 -2.50 -3.27 -8.97
CA SER A 326 -1.91 -3.89 -10.15
C SER A 326 -0.47 -3.41 -10.40
N THR A 327 0.49 -4.33 -10.43
CA THR A 327 1.85 -3.91 -10.68
C THR A 327 2.11 -4.04 -12.17
N ASN A 328 1.05 -4.25 -12.94
CA ASN A 328 1.21 -4.36 -14.38
C ASN A 328 1.53 -3.00 -15.01
N LEU A 329 2.23 -3.03 -16.13
CA LEU A 329 2.62 -1.85 -16.88
C LEU A 329 2.23 -2.06 -18.34
N SER A 330 1.58 -1.06 -18.93
CA SER A 330 1.16 -1.16 -20.33
C SER A 330 2.39 -1.28 -21.23
N GLN A 331 2.20 -1.84 -22.42
CA GLN A 331 3.31 -2.00 -23.37
C GLN A 331 3.93 -0.67 -23.78
N ASP A 332 3.11 0.34 -23.99
CA ASP A 332 3.66 1.64 -24.38
C ASP A 332 4.53 2.25 -23.29
N ALA A 333 4.09 2.17 -22.04
CA ALA A 333 4.87 2.72 -20.93
C ALA A 333 6.19 1.98 -20.83
N VAL A 334 6.14 0.65 -20.96
CA VAL A 334 7.36 -0.13 -20.89
C VAL A 334 8.35 0.27 -21.99
N ASN A 335 7.87 0.38 -23.24
CA ASN A 335 8.76 0.76 -24.33
C ASN A 335 9.39 2.13 -24.11
N MET A 336 8.59 3.10 -23.63
CA MET A 336 9.09 4.45 -23.40
C MET A 336 10.18 4.55 -22.33
N VAL A 337 9.98 3.88 -21.19
CA VAL A 337 10.99 3.95 -20.13
C VAL A 337 12.26 3.17 -20.55
N ARG A 338 12.08 2.08 -21.28
CA ARG A 338 13.24 1.33 -21.76
C ARG A 338 13.98 2.28 -22.72
N GLY A 339 13.21 3.06 -23.46
CA GLY A 339 13.81 4.02 -24.37
C GLY A 339 14.62 5.01 -23.53
N TYR A 340 14.02 5.48 -22.43
CA TYR A 340 14.70 6.43 -21.54
C TYR A 340 15.97 5.81 -20.95
N ILE A 341 15.89 4.55 -20.55
CA ILE A 341 17.03 3.85 -19.94
C ILE A 341 18.22 3.72 -20.88
N SER A 342 17.98 3.48 -22.17
CA SER A 342 19.04 3.36 -23.15
C SER A 342 19.79 4.67 -23.31
N ASP A 343 19.04 5.73 -23.52
CA ASP A 343 19.64 7.05 -23.72
C ASP A 343 20.43 7.58 -22.54
N ASN A 344 19.86 7.42 -21.34
CA ASN A 344 20.46 7.99 -20.15
C ASN A 344 21.33 7.11 -19.27
N PHE A 345 21.34 5.82 -19.52
CA PHE A 345 22.15 4.92 -18.72
C PHE A 345 22.99 3.98 -19.55
N GLY A 346 22.49 3.61 -20.73
CA GLY A 346 23.25 2.71 -21.59
C GLY A 346 22.86 1.24 -21.57
N LYS A 347 23.56 0.47 -22.41
CA LYS A 347 23.36 -0.98 -22.59
C LYS A 347 23.27 -1.84 -21.34
N LYS A 348 24.33 -1.79 -20.53
CA LYS A 348 24.44 -2.58 -19.31
C LYS A 348 23.29 -2.41 -18.31
N TYR A 349 22.47 -1.39 -18.49
CA TYR A 349 21.35 -1.12 -17.59
C TYR A 349 20.02 -1.58 -18.15
N LEU A 350 20.04 -1.98 -19.40
CA LEU A 350 18.82 -2.41 -20.05
C LEU A 350 18.68 -3.92 -20.13
N PRO A 351 17.70 -4.49 -19.41
CA PRO A 351 17.46 -5.93 -19.41
C PRO A 351 17.29 -6.44 -20.83
N GLU A 352 17.51 -7.75 -21.00
CA GLU A 352 17.38 -8.41 -22.29
C GLU A 352 15.94 -8.17 -22.75
N SER A 353 15.00 -8.72 -21.97
CA SER A 353 13.59 -8.56 -22.23
C SER A 353 13.03 -7.71 -21.10
N PRO A 354 11.85 -7.11 -21.29
CA PRO A 354 11.26 -6.28 -20.23
C PRO A 354 11.10 -7.04 -18.91
N ASN A 355 10.90 -6.30 -17.82
CA ASN A 355 10.69 -6.94 -16.53
C ASN A 355 9.20 -6.92 -16.23
N GLN A 356 8.57 -8.10 -16.24
CA GLN A 356 7.14 -8.20 -15.95
C GLN A 356 6.95 -8.47 -14.48
N TYR A 357 5.88 -7.95 -13.90
CA TYR A 357 5.64 -8.16 -12.48
C TYR A 357 4.30 -8.82 -12.15
N ALA A 358 3.23 -8.39 -12.81
CA ALA A 358 1.90 -8.97 -12.59
C ALA A 358 0.98 -8.65 -13.77
N SER A 359 -0.10 -9.41 -13.92
CA SER A 359 -1.03 -9.19 -15.03
C SER A 359 -2.05 -8.10 -14.72
N LYS A 360 -2.75 -7.64 -15.76
CA LYS A 360 -3.75 -6.59 -15.63
C LYS A 360 -4.95 -6.96 -14.75
N GLU A 361 -5.21 -8.25 -14.59
CA GLU A 361 -6.34 -8.71 -13.77
C GLU A 361 -6.04 -8.76 -12.28
N ASN A 362 -6.86 -8.06 -11.50
CA ASN A 362 -6.73 -7.99 -10.06
C ASN A 362 -8.11 -7.72 -9.50
N SER A 363 -8.26 -7.82 -8.18
CA SER A 363 -9.56 -7.61 -7.56
C SER A 363 -10.15 -6.22 -7.84
N GLN A 364 -9.29 -5.22 -8.04
CA GLN A 364 -9.78 -3.86 -8.30
C GLN A 364 -9.84 -3.50 -9.78
N GLU A 365 -10.42 -2.33 -10.06
CA GLU A 365 -10.61 -1.81 -11.41
C GLU A 365 -9.36 -1.35 -12.20
N ALA A 366 -8.40 -0.76 -11.51
CA ALA A 366 -7.18 -0.29 -12.19
C ALA A 366 -6.39 -1.43 -12.80
N HIS A 367 -5.96 -1.24 -14.05
CA HIS A 367 -5.20 -2.28 -14.74
C HIS A 367 -3.70 -2.03 -14.72
N GLU A 368 -3.30 -0.82 -14.36
CA GLU A 368 -1.88 -0.47 -14.33
C GLU A 368 -1.38 -0.02 -12.98
N ALA A 369 -0.06 -0.03 -12.83
CA ALA A 369 0.59 0.42 -11.61
C ALA A 369 0.65 1.94 -11.62
N ILE A 370 1.15 2.51 -10.53
CA ILE A 370 1.28 3.95 -10.43
C ILE A 370 2.61 4.32 -11.06
N ARG A 371 2.54 5.08 -12.16
CA ARG A 371 3.75 5.47 -12.88
C ARG A 371 3.55 6.84 -13.52
N PRO A 372 4.64 7.48 -13.94
CA PRO A 372 4.48 8.78 -14.58
C PRO A 372 3.81 8.58 -15.94
N SER A 373 3.09 9.59 -16.39
CA SER A 373 2.43 9.55 -17.67
C SER A 373 3.45 9.73 -18.79
N ASP A 374 4.56 10.40 -18.48
CA ASP A 374 5.64 10.64 -19.43
C ASP A 374 7.00 10.59 -18.71
N VAL A 375 7.77 9.50 -18.89
CA VAL A 375 9.08 9.42 -18.23
C VAL A 375 9.99 10.59 -18.56
N ASN A 376 9.76 11.24 -19.70
CA ASN A 376 10.56 12.38 -20.10
C ASN A 376 10.31 13.64 -19.25
N VAL A 377 9.30 13.60 -18.40
CA VAL A 377 8.99 14.73 -17.56
C VAL A 377 9.56 14.49 -16.17
N MET A 378 10.59 15.26 -15.81
CA MET A 378 11.22 15.11 -14.50
C MET A 378 10.41 15.81 -13.42
N ALA A 379 10.69 15.45 -12.17
CA ALA A 379 9.99 16.04 -11.02
C ALA A 379 10.23 17.55 -10.96
N GLU A 380 11.41 17.97 -11.43
CA GLU A 380 11.81 19.37 -11.43
C GLU A 380 11.10 20.22 -12.49
N SER A 381 10.43 19.57 -13.43
CA SER A 381 9.74 20.27 -14.50
C SER A 381 8.24 20.44 -14.24
N LEU A 382 7.70 19.74 -13.25
CA LEU A 382 6.28 19.87 -12.94
C LEU A 382 6.08 21.37 -12.70
N LYS A 383 5.07 21.95 -13.33
CA LYS A 383 4.84 23.38 -13.21
C LYS A 383 3.93 23.92 -12.09
N ASP A 384 2.76 23.31 -11.91
CA ASP A 384 1.80 23.77 -10.92
C ASP A 384 1.74 22.92 -9.65
N MET A 385 2.87 22.33 -9.27
CA MET A 385 2.92 21.44 -8.10
C MET A 385 3.76 21.94 -6.93
N GLU A 386 3.29 21.64 -5.71
CA GLU A 386 4.03 22.04 -4.51
C GLU A 386 5.29 21.19 -4.41
N ALA A 387 6.17 21.54 -3.49
CA ALA A 387 7.41 20.80 -3.35
C ALA A 387 7.20 19.33 -2.97
N ASP A 388 6.19 19.05 -2.15
CA ASP A 388 5.91 17.69 -1.75
C ASP A 388 5.36 16.81 -2.88
N ALA A 389 4.51 17.37 -3.74
CA ALA A 389 3.97 16.60 -4.86
C ALA A 389 5.13 16.25 -5.79
N GLN A 390 6.12 17.12 -5.85
CA GLN A 390 7.29 16.88 -6.69
C GLN A 390 8.14 15.75 -6.10
N LYS A 391 8.31 15.77 -4.78
CA LYS A 391 9.06 14.72 -4.12
C LYS A 391 8.43 13.36 -4.37
N LEU A 392 7.09 13.31 -4.35
CA LEU A 392 6.35 12.08 -4.56
C LEU A 392 6.50 11.60 -5.98
N TYR A 393 6.37 12.51 -6.93
CA TYR A 393 6.53 12.18 -8.34
C TYR A 393 7.94 11.59 -8.51
N GLN A 394 8.90 12.24 -7.87
CA GLN A 394 10.28 11.80 -7.90
C GLN A 394 10.40 10.34 -7.43
N LEU A 395 9.70 10.01 -6.36
CA LEU A 395 9.70 8.65 -5.82
C LEU A 395 9.03 7.73 -6.84
N ILE A 396 7.86 8.13 -7.34
CA ILE A 396 7.13 7.33 -8.33
C ILE A 396 7.99 7.11 -9.59
N TRP A 397 8.61 8.17 -10.07
CA TRP A 397 9.46 8.12 -11.26
C TRP A 397 10.64 7.15 -11.10
N ARG A 398 11.38 7.33 -10.00
CA ARG A 398 12.54 6.50 -9.75
C ARG A 398 12.21 5.02 -9.59
N GLN A 399 11.08 4.74 -8.95
CA GLN A 399 10.66 3.36 -8.74
C GLN A 399 10.32 2.75 -10.10
N PHE A 400 9.61 3.52 -10.92
CA PHE A 400 9.20 3.10 -12.25
C PHE A 400 10.39 2.86 -13.19
N VAL A 401 11.34 3.79 -13.22
CA VAL A 401 12.51 3.61 -14.09
C VAL A 401 13.37 2.45 -13.62
N ALA A 402 13.53 2.35 -12.31
CA ALA A 402 14.33 1.28 -11.71
C ALA A 402 13.74 -0.10 -11.99
N CYS A 403 12.42 -0.23 -11.97
CA CYS A 403 11.80 -1.53 -12.18
C CYS A 403 12.02 -2.10 -13.57
N GLN A 404 12.60 -1.30 -14.47
CA GLN A 404 12.84 -1.78 -15.82
C GLN A 404 14.33 -1.82 -16.13
N MET A 405 15.13 -1.60 -15.10
CA MET A 405 16.59 -1.63 -15.23
C MET A 405 17.14 -2.99 -14.80
N THR A 406 18.42 -3.22 -15.04
CA THR A 406 19.06 -4.49 -14.71
C THR A 406 19.38 -4.67 -13.23
N PRO A 407 19.60 -5.91 -12.80
CA PRO A 407 19.91 -6.20 -11.39
C PRO A 407 21.26 -5.68 -10.95
N ALA A 408 21.39 -5.39 -9.67
CA ALA A 408 22.67 -4.96 -9.11
C ALA A 408 23.41 -6.25 -8.90
N LYS A 409 24.71 -6.27 -9.17
CA LYS A 409 25.52 -7.47 -9.02
C LYS A 409 26.54 -7.30 -7.90
N TYR A 410 26.58 -8.28 -7.01
CA TYR A 410 27.53 -8.25 -5.90
C TYR A 410 28.38 -9.51 -5.86
N ASP A 411 29.57 -9.38 -5.28
CA ASP A 411 30.44 -10.53 -5.09
C ASP A 411 30.32 -10.81 -3.59
N SER A 412 29.66 -11.91 -3.23
CA SER A 412 29.48 -12.25 -1.83
C SER A 412 30.57 -13.20 -1.33
N THR A 413 31.05 -12.93 -0.12
CA THR A 413 32.08 -13.74 0.47
C THR A 413 31.67 -14.26 1.83
N THR A 414 31.71 -15.58 2.01
CA THR A 414 31.38 -16.19 3.28
C THR A 414 32.61 -16.95 3.74
N LEU A 415 33.14 -16.56 4.89
CA LEU A 415 34.29 -17.23 5.45
C LEU A 415 33.86 -18.16 6.57
N THR A 416 34.23 -19.43 6.46
CA THR A 416 33.93 -20.39 7.51
C THR A 416 35.26 -20.72 8.12
N VAL A 417 35.38 -20.48 9.41
CA VAL A 417 36.63 -20.70 10.14
C VAL A 417 36.46 -21.78 11.22
N GLY A 418 37.51 -22.57 11.37
CA GLY A 418 37.49 -23.62 12.36
C GLY A 418 38.49 -23.34 13.47
N ALA A 419 38.07 -23.55 14.71
CA ALA A 419 38.92 -23.35 15.87
C ALA A 419 38.57 -24.50 16.80
N GLY A 420 39.45 -25.49 16.83
CA GLY A 420 39.19 -26.65 17.66
C GLY A 420 37.84 -27.21 17.31
N ASP A 421 37.00 -27.37 18.34
CA ASP A 421 35.66 -27.91 18.20
C ASP A 421 34.65 -26.88 17.68
N PHE A 422 35.06 -25.60 17.59
CA PHE A 422 34.16 -24.54 17.16
C PHE A 422 34.17 -24.16 15.68
N ARG A 423 33.06 -23.57 15.25
CA ARG A 423 32.88 -23.13 13.87
C ARG A 423 32.61 -21.62 13.91
N LEU A 424 33.33 -20.85 13.10
CA LEU A 424 33.14 -19.40 13.05
C LEU A 424 32.89 -18.94 11.62
N LYS A 425 32.18 -17.83 11.49
CA LYS A 425 31.90 -17.30 10.17
C LYS A 425 31.97 -15.78 10.09
N ALA A 426 32.17 -15.30 8.87
CA ALA A 426 32.23 -13.88 8.57
C ALA A 426 31.66 -13.71 7.16
N ARG A 427 30.76 -12.76 6.97
CA ARG A 427 30.17 -12.52 5.66
C ARG A 427 30.70 -11.22 5.07
N GLY A 428 30.86 -11.19 3.76
CA GLY A 428 31.33 -10.00 3.10
C GLY A 428 30.63 -9.76 1.78
N ARG A 429 30.62 -8.52 1.34
CA ARG A 429 29.98 -8.16 0.09
C ARG A 429 30.52 -6.85 -0.49
N ILE A 430 30.80 -6.86 -1.79
CA ILE A 430 31.29 -5.69 -2.48
C ILE A 430 30.47 -5.51 -3.76
N LEU A 431 30.00 -4.28 -4.00
CA LEU A 431 29.20 -3.97 -5.18
C LEU A 431 30.02 -4.06 -6.46
N ARG A 432 29.54 -4.85 -7.43
CA ARG A 432 30.24 -5.01 -8.71
C ARG A 432 29.57 -4.13 -9.77
N PHE A 433 28.24 -4.17 -9.84
CA PHE A 433 27.48 -3.37 -10.81
C PHE A 433 26.23 -2.81 -10.13
N ASP A 434 26.06 -1.48 -10.17
CA ASP A 434 24.91 -0.87 -9.50
C ASP A 434 23.54 -1.15 -10.13
N GLY A 435 23.51 -1.47 -11.41
CA GLY A 435 22.22 -1.73 -12.04
C GLY A 435 21.19 -0.68 -11.69
N TRP A 436 20.00 -1.13 -11.28
CA TRP A 436 18.92 -0.22 -10.93
C TRP A 436 19.23 0.77 -9.80
N THR A 437 20.15 0.43 -8.91
CA THR A 437 20.47 1.35 -7.81
C THR A 437 21.09 2.69 -8.25
N LYS A 438 21.46 2.82 -9.53
CA LYS A 438 22.03 4.08 -9.98
C LYS A 438 20.99 5.21 -10.06
N VAL A 439 19.71 4.85 -10.11
CA VAL A 439 18.67 5.87 -10.17
C VAL A 439 18.01 6.09 -8.82
N MET A 440 18.58 5.47 -7.79
CA MET A 440 18.08 5.62 -6.42
C MET A 440 18.90 6.62 -5.61
N ILE A 451 33.07 -5.59 3.15
CA ILE A 451 34.40 -5.88 2.64
C ILE A 451 35.31 -6.61 3.63
N LEU A 452 35.46 -7.92 3.44
CA LEU A 452 36.33 -8.73 4.31
C LEU A 452 37.73 -8.73 3.71
N PRO A 453 38.76 -8.85 4.56
CA PRO A 453 40.13 -8.86 4.06
C PRO A 453 40.39 -10.15 3.27
N ALA A 454 41.50 -10.17 2.51
CA ALA A 454 41.83 -11.33 1.71
C ALA A 454 42.49 -12.47 2.49
N VAL A 455 42.00 -13.69 2.28
CA VAL A 455 42.50 -14.91 2.90
C VAL A 455 42.01 -16.07 2.06
N ASN A 456 42.82 -17.12 1.95
CA ASN A 456 42.45 -18.31 1.19
C ASN A 456 42.15 -19.46 2.12
N LYS A 457 41.53 -20.50 1.57
CA LYS A 457 41.21 -21.68 2.37
C LYS A 457 42.53 -22.25 2.88
N GLY A 458 42.55 -22.63 4.14
CA GLY A 458 43.74 -23.20 4.73
C GLY A 458 44.60 -22.20 5.49
N ASP A 459 44.38 -20.91 5.26
CA ASP A 459 45.15 -19.88 5.95
C ASP A 459 44.98 -19.96 7.46
N ALA A 460 46.06 -19.65 8.16
CA ALA A 460 46.05 -19.66 9.62
C ALA A 460 45.70 -18.23 10.05
N LEU A 461 44.88 -18.12 11.09
CA LEU A 461 44.48 -16.83 11.62
C LEU A 461 44.97 -16.71 13.05
N THR A 462 45.56 -15.57 13.37
CA THR A 462 46.06 -15.36 14.73
C THR A 462 44.97 -14.80 15.62
N LEU A 463 44.64 -15.52 16.69
CA LEU A 463 43.63 -15.05 17.62
C LEU A 463 44.14 -13.82 18.33
N VAL A 464 43.42 -12.73 18.21
CA VAL A 464 43.78 -11.46 18.84
C VAL A 464 42.99 -11.29 20.15
N GLU A 465 41.67 -11.42 20.07
CA GLU A 465 40.81 -11.27 21.24
C GLU A 465 39.41 -11.86 21.07
N LEU A 466 38.90 -12.47 22.13
CA LEU A 466 37.56 -13.05 22.12
C LEU A 466 36.65 -12.09 22.88
N THR A 467 35.46 -11.84 22.31
CA THR A 467 34.51 -10.92 22.92
C THR A 467 33.16 -11.54 23.25
N PRO A 468 33.04 -12.10 24.47
CA PRO A 468 31.76 -12.71 24.84
C PRO A 468 30.79 -11.59 25.21
N ALA A 469 29.58 -11.65 24.67
CA ALA A 469 28.58 -10.63 24.94
C ALA A 469 27.21 -11.18 25.35
N GLN A 470 26.66 -10.62 26.42
CA GLN A 470 25.35 -11.02 26.92
C GLN A 470 24.28 -10.17 26.26
N HIS A 471 23.22 -10.82 25.79
CA HIS A 471 22.14 -10.13 25.12
C HIS A 471 20.76 -10.60 25.57
N PHE A 472 19.74 -9.87 25.14
CA PHE A 472 18.35 -10.19 25.48
C PHE A 472 17.47 -10.00 24.26
N THR A 473 16.71 -11.04 23.92
CA THR A 473 15.79 -10.99 22.79
C THR A 473 14.91 -9.75 22.93
N LYS A 474 14.47 -9.21 21.80
CA LYS A 474 13.63 -8.01 21.80
C LYS A 474 12.15 -8.31 21.50
N PRO A 475 11.24 -7.49 22.06
CA PRO A 475 9.81 -7.67 21.84
C PRO A 475 9.45 -7.42 20.38
N PRO A 476 8.24 -7.81 19.97
CA PRO A 476 7.88 -7.56 18.57
C PRO A 476 7.99 -6.06 18.30
N ALA A 477 8.41 -5.70 17.10
CA ALA A 477 8.55 -4.30 16.75
C ALA A 477 7.14 -3.70 16.73
N ARG A 478 7.04 -2.39 16.99
CA ARG A 478 5.75 -1.73 16.97
C ARG A 478 5.37 -1.46 15.51
N PHE A 479 4.10 -1.13 15.28
CA PHE A 479 3.68 -0.82 13.92
C PHE A 479 4.17 0.59 13.59
N SER A 480 4.55 0.78 12.33
CA SER A 480 4.96 2.08 11.82
C SER A 480 3.81 2.38 10.87
N GLU A 481 3.72 3.59 10.32
CA GLU A 481 2.63 3.85 9.41
C GLU A 481 2.76 2.90 8.21
N ALA A 482 4.00 2.62 7.83
CA ALA A 482 4.27 1.73 6.71
C ALA A 482 3.96 0.26 6.99
N SER A 483 4.31 -0.24 8.18
CA SER A 483 4.06 -1.64 8.49
C SER A 483 2.56 -1.91 8.77
N LEU A 484 1.84 -0.87 9.16
CA LEU A 484 0.40 -1.03 9.41
C LEU A 484 -0.31 -1.14 8.06
N VAL A 485 0.13 -0.35 7.08
CA VAL A 485 -0.51 -0.43 5.78
C VAL A 485 -0.24 -1.81 5.21
N LYS A 486 0.99 -2.28 5.36
CA LYS A 486 1.38 -3.60 4.86
C LYS A 486 0.55 -4.69 5.57
N GLU A 487 0.33 -4.49 6.87
CA GLU A 487 -0.44 -5.43 7.66
C GLU A 487 -1.87 -5.48 7.12
N LEU A 488 -2.45 -4.31 6.89
CA LEU A 488 -3.81 -4.21 6.38
C LEU A 488 -3.92 -4.87 5.01
N GLU A 489 -2.89 -4.71 4.19
CA GLU A 489 -2.90 -5.31 2.87
C GLU A 489 -2.76 -6.84 2.96
N LYS A 490 -1.82 -7.28 3.78
CA LYS A 490 -1.55 -8.71 3.96
C LYS A 490 -2.73 -9.53 4.48
N ARG A 491 -3.52 -8.96 5.37
CA ARG A 491 -4.67 -9.68 5.90
C ARG A 491 -5.93 -9.54 5.06
N GLY A 492 -5.83 -8.76 3.99
CA GLY A 492 -6.98 -8.56 3.12
C GLY A 492 -8.00 -7.63 3.74
N ILE A 493 -7.59 -6.91 4.77
CA ILE A 493 -8.46 -5.97 5.45
C ILE A 493 -8.65 -4.67 4.66
N GLY A 494 -7.56 -4.18 4.07
CA GLY A 494 -7.66 -2.94 3.30
C GLY A 494 -7.75 -3.08 1.79
N ARG A 495 -8.08 -1.97 1.14
CA ARG A 495 -8.17 -1.88 -0.32
C ARG A 495 -7.50 -0.57 -0.68
N PRO A 496 -7.14 -0.37 -1.96
CA PRO A 496 -6.49 0.88 -2.37
C PRO A 496 -7.24 2.15 -1.96
N SER A 497 -8.57 2.08 -1.92
CA SER A 497 -9.35 3.25 -1.54
C SER A 497 -9.54 3.41 -0.04
N THR A 498 -9.20 2.40 0.76
CA THR A 498 -9.39 2.54 2.19
C THR A 498 -8.15 2.60 3.05
N TYR A 499 -7.02 2.11 2.55
CA TYR A 499 -5.79 2.13 3.33
C TYR A 499 -5.60 3.42 4.12
N ALA A 500 -5.56 4.53 3.40
CA ALA A 500 -5.35 5.83 4.03
C ALA A 500 -6.43 6.21 5.02
N SER A 501 -7.67 6.13 4.58
CA SER A 501 -8.78 6.49 5.43
C SER A 501 -8.75 5.71 6.73
N ILE A 502 -8.51 4.41 6.63
CA ILE A 502 -8.47 3.53 7.79
C ILE A 502 -7.40 3.96 8.80
N ILE A 503 -6.23 4.37 8.31
CA ILE A 503 -5.14 4.76 9.19
C ILE A 503 -5.29 6.16 9.76
N SER A 504 -5.93 7.04 9.01
CA SER A 504 -6.19 8.40 9.48
C SER A 504 -7.30 8.40 10.53
N THR A 505 -8.40 7.71 10.22
CA THR A 505 -9.54 7.66 11.13
C THR A 505 -9.23 7.15 12.54
N ILE A 506 -8.54 6.02 12.66
CA ILE A 506 -8.26 5.47 13.98
C ILE A 506 -7.43 6.40 14.87
N GLN A 507 -6.68 7.31 14.24
CA GLN A 507 -5.88 8.24 15.00
C GLN A 507 -6.76 9.41 15.40
N ASP A 508 -7.64 9.83 14.48
CA ASP A 508 -8.53 10.95 14.74
C ASP A 508 -9.49 10.63 15.88
N ARG A 509 -10.05 9.42 15.86
CA ARG A 509 -11.02 9.01 16.86
C ARG A 509 -10.35 8.70 18.21
N GLY A 510 -9.03 8.79 18.25
CA GLY A 510 -8.28 8.55 19.47
C GLY A 510 -8.09 7.14 19.98
N TYR A 511 -8.14 6.14 19.10
CA TYR A 511 -7.95 4.73 19.52
C TYR A 511 -6.48 4.34 19.50
N VAL A 512 -5.70 5.12 18.75
CA VAL A 512 -4.28 4.90 18.62
C VAL A 512 -3.63 6.26 18.37
N ARG A 513 -2.35 6.35 18.71
CA ARG A 513 -1.61 7.58 18.50
C ARG A 513 -0.24 7.18 17.99
N VAL A 514 0.37 8.08 17.23
CA VAL A 514 1.70 7.83 16.69
C VAL A 514 2.69 8.68 17.45
N GLU A 515 3.78 8.06 17.87
CA GLU A 515 4.85 8.73 18.64
C GLU A 515 6.20 8.20 18.15
N ASN A 516 7.07 9.10 17.68
CA ASN A 516 8.37 8.68 17.17
C ASN A 516 8.21 7.81 15.95
N ARG A 517 7.18 8.07 15.15
CA ARG A 517 6.90 7.29 13.95
C ARG A 517 6.42 5.86 14.25
N ARG A 518 6.02 5.59 15.49
CA ARG A 518 5.52 4.26 15.81
C ARG A 518 4.15 4.34 16.44
N PHE A 519 3.34 3.30 16.21
CA PHE A 519 1.97 3.26 16.73
C PHE A 519 1.83 2.76 18.16
N TYR A 520 1.02 3.50 18.93
CA TYR A 520 0.72 3.13 20.31
C TYR A 520 -0.79 3.03 20.44
N ALA A 521 -1.26 1.92 20.99
CA ALA A 521 -2.68 1.76 21.20
C ALA A 521 -2.98 2.64 22.40
N GLU A 522 -4.07 3.37 22.37
CA GLU A 522 -4.44 4.20 23.50
C GLU A 522 -5.41 3.40 24.35
N LYS A 523 -5.48 3.71 25.65
CA LYS A 523 -6.39 2.98 26.52
C LYS A 523 -7.80 2.98 25.93
N MET A 524 -8.24 4.11 25.39
CA MET A 524 -9.59 4.18 24.79
C MET A 524 -9.77 3.16 23.68
N GLY A 525 -8.72 2.93 22.89
CA GLY A 525 -8.80 1.96 21.80
C GLY A 525 -8.89 0.55 22.35
N GLU A 526 -8.16 0.28 23.43
CA GLU A 526 -8.18 -1.02 24.07
C GLU A 526 -9.55 -1.30 24.67
N ILE A 527 -10.14 -0.26 25.26
CA ILE A 527 -11.45 -0.42 25.88
C ILE A 527 -12.54 -0.62 24.84
N VAL A 528 -12.49 0.15 23.77
CA VAL A 528 -13.49 0.01 22.72
C VAL A 528 -13.35 -1.37 22.07
N THR A 529 -12.12 -1.83 21.88
CA THR A 529 -11.87 -3.14 21.27
C THR A 529 -12.44 -4.30 22.10
N ASP A 530 -12.18 -4.31 23.41
CA ASP A 530 -12.68 -5.39 24.27
C ASP A 530 -14.21 -5.41 24.30
N ARG A 531 -14.83 -4.23 24.33
CA ARG A 531 -16.29 -4.17 24.37
C ARG A 531 -16.87 -4.63 23.02
N LEU A 532 -16.20 -4.31 21.93
CA LEU A 532 -16.66 -4.71 20.61
C LEU A 532 -16.53 -6.20 20.43
N GLU A 533 -15.49 -6.79 21.02
CA GLU A 533 -15.29 -8.22 20.90
C GLU A 533 -16.28 -9.00 21.76
N GLU A 534 -16.85 -8.33 22.77
CA GLU A 534 -17.83 -8.96 23.64
C GLU A 534 -19.22 -9.00 22.97
N ASN A 535 -19.64 -7.85 22.44
CA ASN A 535 -20.94 -7.73 21.82
C ASN A 535 -21.01 -8.07 20.32
N PHE A 536 -19.92 -7.85 19.59
CA PHE A 536 -19.90 -8.16 18.16
C PHE A 536 -18.62 -8.92 17.81
N ARG A 537 -18.49 -10.17 18.28
CA ARG A 537 -17.28 -10.94 17.99
C ARG A 537 -17.04 -11.17 16.50
N GLU A 538 -18.11 -11.36 15.74
CA GLU A 538 -17.98 -11.60 14.30
C GLU A 538 -17.40 -10.39 13.59
N LEU A 539 -17.85 -9.21 13.98
CA LEU A 539 -17.37 -7.97 13.38
C LEU A 539 -15.87 -7.84 13.61
N MET A 540 -15.45 -8.17 14.83
CA MET A 540 -14.05 -8.09 15.23
C MET A 540 -13.18 -9.26 14.78
N ASN A 541 -13.72 -10.12 13.93
CA ASN A 541 -12.97 -11.26 13.43
C ASN A 541 -12.24 -10.88 12.13
N TYR A 542 -10.92 -11.07 12.08
CA TYR A 542 -10.13 -10.73 10.90
C TYR A 542 -10.61 -11.38 9.60
N ASP A 543 -10.88 -12.68 9.65
CA ASP A 543 -11.34 -13.41 8.47
C ASP A 543 -12.72 -12.94 7.99
N PHE A 544 -13.54 -12.47 8.92
CA PHE A 544 -14.86 -11.98 8.56
C PHE A 544 -14.71 -10.71 7.73
N THR A 545 -13.87 -9.80 8.21
CA THR A 545 -13.60 -8.53 7.56
C THR A 545 -13.00 -8.74 6.16
N ALA A 546 -12.01 -9.63 6.08
CA ALA A 546 -11.38 -9.90 4.80
C ALA A 546 -12.36 -10.57 3.84
N GLN A 547 -13.24 -11.42 4.36
CA GLN A 547 -14.21 -12.10 3.51
C GLN A 547 -15.18 -11.08 2.92
N MET A 548 -15.68 -10.17 3.76
CA MET A 548 -16.59 -9.14 3.29
C MET A 548 -15.95 -8.27 2.20
N GLU A 549 -14.66 -8.01 2.32
CA GLU A 549 -13.97 -7.22 1.32
C GLU A 549 -13.90 -7.99 0.01
N ASN A 550 -13.60 -9.28 0.10
CA ASN A 550 -13.55 -10.17 -1.07
C ASN A 550 -14.94 -10.28 -1.68
N SER A 551 -15.96 -10.42 -0.83
CA SER A 551 -17.33 -10.55 -1.31
C SER A 551 -17.72 -9.28 -2.09
N LEU A 552 -17.23 -8.13 -1.64
CA LEU A 552 -17.52 -6.86 -2.33
C LEU A 552 -16.90 -6.90 -3.74
N ASP A 553 -15.65 -7.38 -3.83
CA ASP A 553 -14.97 -7.47 -5.12
C ASP A 553 -15.75 -8.44 -6.01
N GLN A 554 -16.20 -9.54 -5.44
CA GLN A 554 -16.98 -10.52 -6.16
C GLN A 554 -18.23 -9.87 -6.76
N VAL A 555 -18.89 -8.99 -6.01
CA VAL A 555 -20.05 -8.32 -6.55
C VAL A 555 -19.60 -7.46 -7.74
N ALA A 556 -18.49 -6.76 -7.57
CA ALA A 556 -17.95 -5.88 -8.61
C ALA A 556 -17.58 -6.62 -9.89
N ASN A 557 -17.10 -7.85 -9.73
CA ASN A 557 -16.68 -8.68 -10.84
C ASN A 557 -17.72 -9.72 -11.28
N HIS A 558 -18.99 -9.46 -10.97
CA HIS A 558 -20.08 -10.36 -11.36
C HIS A 558 -19.92 -11.83 -10.92
N GLU A 559 -19.46 -12.04 -9.69
CA GLU A 559 -19.27 -13.38 -9.16
C GLU A 559 -20.15 -13.54 -7.92
N ALA A 560 -20.94 -12.50 -7.64
CA ALA A 560 -21.87 -12.49 -6.51
C ALA A 560 -22.84 -11.32 -6.71
N GLU A 561 -24.02 -11.42 -6.12
CA GLU A 561 -25.03 -10.38 -6.25
C GLU A 561 -25.02 -9.55 -4.96
N TRP A 562 -25.16 -8.23 -5.07
CA TRP A 562 -25.07 -7.38 -3.90
C TRP A 562 -26.10 -7.57 -2.77
N LYS A 563 -27.37 -7.78 -3.10
CA LYS A 563 -28.34 -7.98 -2.03
C LYS A 563 -28.11 -9.28 -1.26
N ALA A 564 -27.64 -10.31 -1.97
CA ALA A 564 -27.37 -11.58 -1.33
C ALA A 564 -26.14 -11.42 -0.43
N VAL A 565 -25.15 -10.67 -0.92
CA VAL A 565 -23.92 -10.43 -0.15
C VAL A 565 -24.26 -9.61 1.10
N LEU A 566 -25.15 -8.64 0.95
CA LEU A 566 -25.58 -7.82 2.07
C LEU A 566 -26.37 -8.70 3.05
N ASP A 567 -27.23 -9.57 2.52
CA ASP A 567 -28.01 -10.46 3.38
C ASP A 567 -27.10 -11.34 4.22
N HIS A 568 -26.06 -11.89 3.60
CA HIS A 568 -25.15 -12.74 4.33
C HIS A 568 -24.34 -11.91 5.31
N PHE A 569 -24.02 -10.69 4.92
CA PHE A 569 -23.25 -9.81 5.79
C PHE A 569 -24.07 -9.50 7.05
N PHE A 570 -25.30 -8.99 6.85
CA PHE A 570 -26.16 -8.63 7.96
C PHE A 570 -26.42 -9.85 8.85
N SER A 571 -26.50 -11.02 8.22
CA SER A 571 -26.74 -12.26 8.94
C SER A 571 -25.57 -12.65 9.85
N ASP A 572 -24.34 -12.60 9.34
CA ASP A 572 -23.18 -12.93 10.17
C ASP A 572 -23.05 -11.88 11.28
N PHE A 573 -23.22 -10.62 10.89
CA PHE A 573 -23.11 -9.47 11.79
C PHE A 573 -24.07 -9.48 12.98
N THR A 574 -25.32 -9.92 12.79
CA THR A 574 -26.29 -9.93 13.88
C THR A 574 -26.36 -11.31 14.55
P1 A3P B . -32.57 -18.83 5.46
O1P A3P B . -32.36 -17.77 4.44
O2P A3P B . -32.55 -18.26 6.81
O3P A3P B . -33.85 -19.52 5.20
P2 A3P B . -26.06 -17.64 5.64
O4P A3P B . -26.03 -16.17 5.60
O5P A3P B . -25.43 -18.15 6.88
O6P A3P B . -25.37 -18.22 4.44
O5' A3P B . -27.59 -18.08 5.62
C5' A3P B . -28.52 -17.76 4.56
C4' A3P B . -29.44 -18.98 4.28
O4' A3P B . -28.71 -20.01 3.56
C3' A3P B . -30.00 -19.65 5.55
O3' A3P B . -31.42 -19.92 5.35
C2' A3P B . -29.11 -20.90 5.70
O2' A3P B . -29.67 -21.96 6.46
C1' A3P B . -28.77 -21.26 4.26
N9 A3P B . -27.46 -21.94 4.08
C8 A3P B . -26.20 -21.60 4.57
N7 A3P B . -25.23 -22.42 4.23
C5 A3P B . -25.86 -23.39 3.46
C6 A3P B . -25.38 -24.57 2.78
N6 A3P B . -24.11 -24.97 2.77
N1 A3P B . -26.33 -25.35 2.09
C2 A3P B . -27.65 -24.99 2.06
N3 A3P B . -28.22 -23.88 2.67
C4 A3P B . -27.26 -23.12 3.36
#